data_9ORK
#
_entry.id   9ORK
#
_cell.length_a   107.613
_cell.length_b   107.613
_cell.length_c   50.617
_cell.angle_alpha   90.000
_cell.angle_beta   90.000
_cell.angle_gamma   120.000
#
_symmetry.space_group_name_H-M   'P 3 2 1'
#
loop_
_entity.id
_entity.type
_entity.pdbx_description
1 polymer 'Antarctic Rhodopsin'
2 non-polymer HEXANE
3 non-polymer DODECANE
4 non-polymer RETINAL
5 water water
#
_entity_poly.entity_id   1
_entity_poly.type   'polypeptide(L)'
_entity_poly.pdbx_seq_one_letter_code
;MDNQIEIVFAAGIALFSVAAAYFFWAYKKDFNSAFLVSFITIISYILMLEGSLVSAGARGGEVYATRWLFYGLSCSLLMY
EIARFLRKSQSEIVFLMFLTVIVMGTGGAAAYFEGWYKIGFFVLSSVAYVLLVYPLLTSVSPNRSAVAKYILLGWTGFPI
AFLLAPDGFGIITTTTAAILYLLLDIFTKVIFYFDLHRKMEVNAQKVLAVSGSVGLEHHHHHH
;
_entity_poly.pdbx_strand_id   AA1
#
# COMPACT_ATOMS: atom_id res chain seq x y z
N ASN A 3 19.68 -3.11 14.72
CA ASN A 3 19.68 -4.58 14.91
C ASN A 3 19.33 -5.25 13.59
N GLN A 4 18.35 -6.15 13.56
CA GLN A 4 18.09 -6.78 12.25
C GLN A 4 17.24 -5.86 11.40
N ILE A 5 16.51 -4.92 11.98
CA ILE A 5 15.57 -4.11 11.17
C ILE A 5 16.27 -3.32 10.06
N GLU A 6 17.47 -2.82 10.28
CA GLU A 6 18.14 -2.06 9.21
C GLU A 6 18.31 -2.96 7.99
N ILE A 7 18.48 -4.26 8.19
CA ILE A 7 18.66 -5.16 7.05
C ILE A 7 17.35 -5.27 6.27
N VAL A 8 16.21 -5.24 6.97
CA VAL A 8 14.92 -5.30 6.30
C VAL A 8 14.71 -4.04 5.45
N PHE A 9 15.03 -2.88 6.01
CA PHE A 9 14.86 -1.63 5.27
C PHE A 9 15.85 -1.52 4.11
N ALA A 10 17.10 -1.97 4.34
CA ALA A 10 18.08 -1.95 3.26
C ALA A 10 17.67 -2.87 2.12
N ALA A 11 17.06 -4.01 2.44
CA ALA A 11 16.55 -4.90 1.41
C ALA A 11 15.45 -4.24 0.60
N GLY A 12 14.58 -3.48 1.26
CA GLY A 12 13.52 -2.79 0.55
C GLY A 12 14.03 -1.69 -0.35
N ILE A 13 15.09 -1.00 0.07
CA ILE A 13 15.68 0.04 -0.77
C ILE A 13 16.26 -0.57 -2.03
N ALA A 14 16.94 -1.71 -1.90
CA ALA A 14 17.58 -2.33 -3.06
C ALA A 14 16.55 -2.91 -4.02
N LEU A 15 15.54 -3.59 -3.49
CA LEU A 15 14.55 -4.25 -4.35
C LEU A 15 13.76 -3.24 -5.16
N PHE A 16 13.24 -2.20 -4.50
CA PHE A 16 12.44 -1.21 -5.21
C PHE A 16 13.28 -0.28 -6.08
N SER A 17 14.59 -0.17 -5.81
CA SER A 17 15.47 0.52 -6.74
C SER A 17 15.65 -0.29 -8.02
N VAL A 18 15.74 -1.62 -7.89
CA VAL A 18 15.77 -2.49 -9.07
C VAL A 18 14.43 -2.47 -9.77
N ALA A 19 13.33 -2.46 -9.00
CA ALA A 19 12.00 -2.45 -9.59
C ALA A 19 11.75 -1.15 -10.35
N ALA A 20 12.07 -0.02 -9.74
CA ALA A 20 11.89 1.27 -10.41
C ALA A 20 12.73 1.35 -11.68
N ALA A 21 13.95 0.80 -11.64
CA ALA A 21 14.80 0.83 -12.81
C ALA A 21 14.24 -0.04 -13.92
N TYR A 22 13.74 -1.22 -13.59
CA TYR A 22 13.13 -2.09 -14.60
C TYR A 22 11.86 -1.45 -15.18
N PHE A 23 10.97 -0.98 -14.30
CA PHE A 23 9.68 -0.47 -14.75
C PHE A 23 9.86 0.72 -15.69
N PHE A 24 10.85 1.57 -15.42
CA PHE A 24 11.04 2.75 -16.27
C PHE A 24 11.50 2.34 -17.67
N TRP A 25 12.50 1.48 -17.75
CA TRP A 25 13.10 1.05 -19.03
C TRP A 25 12.21 0.09 -19.81
N ALA A 26 11.50 -0.80 -19.12
CA ALA A 26 10.70 -1.81 -19.81
C ALA A 26 9.38 -1.26 -20.33
N TYR A 27 8.81 -0.25 -19.66
CA TYR A 27 7.48 0.23 -19.98
C TYR A 27 7.57 1.47 -20.87
N LYS A 28 6.42 1.91 -21.36
CA LYS A 28 6.35 3.05 -22.31
C LYS A 28 6.84 4.33 -21.64
N LYS A 29 7.49 5.19 -22.41
CA LYS A 29 8.04 6.43 -21.85
C LYS A 29 6.94 7.48 -21.79
N ASP A 30 5.93 7.21 -20.98
CA ASP A 30 4.85 8.17 -20.75
C ASP A 30 4.50 8.04 -19.26
N PHE A 31 3.32 8.40 -18.85
CA PHE A 31 2.91 8.15 -17.46
C PHE A 31 3.18 6.71 -17.04
N ASN A 32 4.13 6.52 -16.13
CA ASN A 32 4.50 5.18 -15.64
C ASN A 32 4.15 5.10 -14.16
N SER A 33 2.98 4.58 -13.84
CA SER A 33 2.57 4.46 -12.42
C SER A 33 3.49 3.44 -11.73
N ALA A 34 3.83 2.38 -12.42
CA ALA A 34 4.68 1.37 -11.79
C ALA A 34 6.02 1.96 -11.38
N PHE A 35 6.58 2.86 -12.18
CA PHE A 35 7.82 3.52 -11.81
C PHE A 35 7.62 4.45 -10.61
N LEU A 36 6.53 5.21 -10.61
CA LEU A 36 6.30 6.18 -9.53
C LEU A 36 6.02 5.48 -8.21
N VAL A 37 5.29 4.37 -8.24
CA VAL A 37 4.96 3.67 -7.00
C VAL A 37 6.23 3.12 -6.34
N SER A 38 7.11 2.52 -7.13
CA SER A 38 8.35 1.98 -6.57
C SER A 38 9.29 3.08 -6.12
N PHE A 39 9.35 4.19 -6.88
CA PHE A 39 10.22 5.29 -6.51
C PHE A 39 9.80 5.92 -5.18
N ILE A 40 8.50 6.16 -5.01
CA ILE A 40 8.00 6.68 -3.75
C ILE A 40 8.33 5.71 -2.60
N THR A 41 8.23 4.41 -2.87
CA THR A 41 8.51 3.42 -1.83
C THR A 41 9.99 3.44 -1.44
N ILE A 42 10.88 3.71 -2.40
CA ILE A 42 12.30 3.85 -2.06
C ILE A 42 12.48 4.98 -1.06
N ILE A 43 11.88 6.14 -1.36
CA ILE A 43 11.98 7.30 -0.46
C ILE A 43 11.47 6.94 0.93
N SER A 44 10.37 6.19 1.00
CA SER A 44 9.78 5.85 2.29
C SER A 44 10.70 4.93 3.10
N TYR A 45 11.37 3.99 2.42
CA TYR A 45 12.24 3.06 3.14
C TYR A 45 13.52 3.73 3.61
N ILE A 46 14.03 4.72 2.88
CA ILE A 46 15.20 5.45 3.33
C ILE A 46 14.89 6.25 4.59
N LEU A 47 13.72 6.85 4.63
CA LEU A 47 13.34 7.63 5.83
C LEU A 47 13.18 6.69 7.00
N MET A 48 12.57 5.54 6.77
CA MET A 48 12.41 4.59 7.87
C MET A 48 13.75 4.06 8.35
N LEU A 49 14.72 3.96 7.44
CA LEU A 49 16.07 3.49 7.78
C LEU A 49 16.85 4.59 8.51
N GLU A 50 16.58 5.84 8.19
CA GLU A 50 17.29 6.93 8.89
C GLU A 50 16.90 6.88 10.36
N GLY A 51 15.63 6.61 10.63
CA GLY A 51 15.09 6.37 11.98
C GLY A 51 14.77 7.56 12.83
N SER A 52 14.54 8.74 12.28
CA SER A 52 14.21 9.91 13.14
C SER A 52 12.72 9.94 13.40
N LEU A 53 11.98 9.18 12.62
CA LEU A 53 10.52 9.27 12.74
C LEU A 53 9.95 7.99 13.33
N VAL A 54 10.72 7.33 14.20
CA VAL A 54 10.28 6.08 14.89
C VAL A 54 9.59 6.46 16.19
N SER A 55 8.51 5.76 16.54
CA SER A 55 7.74 6.06 17.77
C SER A 55 7.61 4.79 18.60
N ALA A 56 7.26 4.91 19.86
CA ALA A 56 7.10 3.73 20.73
C ALA A 56 5.85 2.97 20.32
N GLY A 57 5.92 1.65 20.30
CA GLY A 57 4.77 0.85 19.89
C GLY A 57 4.21 0.08 21.07
N ALA A 58 3.46 -0.97 20.79
CA ALA A 58 2.85 -1.81 21.84
C ALA A 58 3.86 -2.89 22.24
N ARG A 59 3.73 -3.37 23.46
CA ARG A 59 4.58 -4.43 24.03
C ARG A 59 6.06 -4.21 23.70
N GLY A 60 6.56 -2.98 23.83
CA GLY A 60 7.96 -2.66 23.60
C GLY A 60 8.39 -2.63 22.16
N GLY A 61 7.45 -2.61 21.21
CA GLY A 61 7.76 -2.50 19.81
C GLY A 61 7.91 -1.06 19.36
N GLU A 62 8.12 -0.88 18.07
CA GLU A 62 8.30 0.47 17.51
C GLU A 62 7.34 0.66 16.36
N VAL A 63 7.08 1.90 15.99
CA VAL A 63 6.13 2.18 14.90
C VAL A 63 6.79 3.15 13.91
N TYR A 64 6.63 2.90 12.62
CA TYR A 64 7.15 3.81 11.60
C TYR A 64 5.95 4.34 10.84
N ALA A 65 5.26 5.32 11.45
CA ALA A 65 3.98 5.79 10.94
C ALA A 65 4.09 6.49 9.59
N THR A 66 5.29 6.93 9.21
CA THR A 66 5.47 7.57 7.91
C THR A 66 5.29 6.58 6.76
N ARG A 67 5.44 5.28 7.00
CA ARG A 67 5.13 4.30 5.98
C ARG A 67 3.68 4.44 5.53
N TRP A 68 2.81 4.69 6.49
CA TRP A 68 1.37 4.84 6.24
C TRP A 68 1.11 6.15 5.51
N LEU A 69 1.88 7.19 5.79
CA LEU A 69 1.65 8.48 5.10
C LEU A 69 2.13 8.37 3.66
N PHE A 70 3.21 7.65 3.43
CA PHE A 70 3.70 7.51 2.07
C PHE A 70 2.81 6.58 1.24
N TYR A 71 2.10 5.67 1.91
CA TYR A 71 1.15 4.81 1.19
C TYR A 71 0.01 5.64 0.60
N GLY A 72 -0.42 6.68 1.31
CA GLY A 72 -1.48 7.54 0.79
C GLY A 72 -1.15 8.12 -0.57
N LEU A 73 0.14 8.37 -0.83
CA LEU A 73 0.56 8.83 -2.15
C LEU A 73 0.73 7.67 -3.12
N SER A 74 1.33 6.58 -2.67
CA SER A 74 1.60 5.48 -3.62
C SER A 74 0.41 4.56 -3.83
N CYS A 75 -0.51 4.48 -2.88
CA CYS A 75 -1.62 3.54 -3.06
C CYS A 75 -2.76 4.21 -3.83
N SER A 76 -2.73 5.53 -3.91
CA SER A 76 -3.71 6.27 -4.72
C SER A 76 -3.37 6.06 -6.19
N LEU A 77 -2.09 5.91 -6.50
CA LEU A 77 -1.68 5.56 -7.86
C LEU A 77 -2.09 4.12 -8.19
N LEU A 78 -1.94 3.21 -7.22
CA LEU A 78 -2.40 1.84 -7.42
C LEU A 78 -3.91 1.79 -7.57
N MET A 79 -4.64 2.52 -6.73
CA MET A 79 -6.10 2.55 -6.84
C MET A 79 -6.54 3.13 -8.16
N TYR A 80 -5.79 4.10 -8.70
CA TYR A 80 -6.13 4.64 -10.02
C TYR A 80 -6.04 3.55 -11.08
N GLU A 81 -4.97 2.76 -11.06
CA GLU A 81 -4.83 1.68 -12.03
C GLU A 81 -5.89 0.60 -11.81
N ILE A 82 -6.17 0.27 -10.55
CA ILE A 82 -7.15 -0.76 -10.26
C ILE A 82 -8.54 -0.31 -10.70
N ALA A 83 -8.94 0.89 -10.32
CA ALA A 83 -10.28 1.37 -10.64
C ALA A 83 -10.46 1.57 -12.15
N ARG A 84 -9.43 2.07 -12.83
CA ARG A 84 -9.50 2.18 -14.28
C ARG A 84 -9.54 0.81 -14.95
N PHE A 85 -8.89 -0.18 -14.35
CA PHE A 85 -8.92 -1.53 -14.91
C PHE A 85 -10.32 -2.12 -14.83
N LEU A 86 -11.04 -1.84 -13.75
CA LEU A 86 -12.43 -2.26 -13.63
C LEU A 86 -13.40 -1.34 -14.35
N ARG A 87 -12.88 -0.34 -15.06
CA ARG A 87 -13.69 0.58 -15.87
C ARG A 87 -14.72 1.33 -15.01
N LYS A 88 -14.30 1.74 -13.83
CA LYS A 88 -15.12 2.64 -13.03
C LYS A 88 -15.22 4.00 -13.71
N SER A 89 -16.31 4.70 -13.45
CA SER A 89 -16.46 6.04 -13.98
C SER A 89 -15.40 6.97 -13.39
N GLN A 90 -15.14 8.07 -14.10
CA GLN A 90 -14.13 9.02 -13.62
C GLN A 90 -14.47 9.53 -12.23
N SER A 91 -15.75 9.85 -11.99
CA SER A 91 -16.15 10.33 -10.67
C SER A 91 -15.98 9.26 -9.59
N GLU A 92 -16.21 7.99 -9.94
CA GLU A 92 -15.98 6.91 -8.99
C GLU A 92 -14.48 6.69 -8.74
N ILE A 93 -13.65 6.91 -9.76
CA ILE A 93 -12.21 6.82 -9.57
C ILE A 93 -11.72 7.89 -8.60
N VAL A 94 -12.19 9.13 -8.79
CA VAL A 94 -11.80 10.21 -7.88
C VAL A 94 -12.25 9.92 -6.46
N PHE A 95 -13.44 9.33 -6.30
CA PHE A 95 -13.95 9.02 -4.98
C PHE A 95 -13.09 7.95 -4.30
N LEU A 96 -12.71 6.91 -5.04
CA LEU A 96 -11.94 5.81 -4.46
C LEU A 96 -10.54 6.27 -4.08
N MET A 97 -9.95 7.14 -4.87
CA MET A 97 -8.61 7.66 -4.58
C MET A 97 -8.66 8.52 -3.31
N PHE A 98 -9.80 9.12 -3.02
CA PHE A 98 -9.91 9.93 -1.78
C PHE A 98 -10.02 9.00 -0.59
N LEU A 99 -10.79 7.93 -0.72
CA LEU A 99 -10.95 6.98 0.39
C LEU A 99 -9.60 6.34 0.69
N THR A 100 -8.79 6.15 -0.33
CA THR A 100 -7.47 5.55 -0.10
C THR A 100 -6.59 6.49 0.73
N VAL A 101 -6.57 7.78 0.38
CA VAL A 101 -5.82 8.75 1.16
C VAL A 101 -6.35 8.80 2.59
N ILE A 102 -7.67 8.68 2.75
CA ILE A 102 -8.25 8.69 4.08
C ILE A 102 -7.83 7.45 4.86
N VAL A 103 -7.85 6.29 4.22
CA VAL A 103 -7.51 5.03 4.89
C VAL A 103 -6.06 5.07 5.38
N MET A 104 -5.14 5.50 4.52
CA MET A 104 -3.74 5.56 4.92
C MET A 104 -3.50 6.67 5.93
N GLY A 105 -4.15 7.82 5.76
CA GLY A 105 -3.95 8.93 6.68
C GLY A 105 -4.42 8.60 8.09
N THR A 106 -5.63 8.08 8.22
CA THR A 106 -6.11 7.65 9.52
C THR A 106 -5.33 6.44 10.04
N GLY A 107 -4.80 5.62 9.13
CA GLY A 107 -3.99 4.50 9.56
C GLY A 107 -2.68 4.93 10.20
N GLY A 108 -2.05 5.97 9.66
CA GLY A 108 -0.85 6.51 10.28
C GLY A 108 -1.15 7.12 11.64
N ALA A 109 -2.31 7.76 11.78
CA ALA A 109 -2.71 8.29 13.08
C ALA A 109 -3.02 7.18 14.06
N ALA A 110 -3.68 6.11 13.59
CA ALA A 110 -3.94 4.97 14.47
C ALA A 110 -2.64 4.34 14.96
N ALA A 111 -1.64 4.27 14.09
CA ALA A 111 -0.37 3.65 14.47
C ALA A 111 0.40 4.53 15.44
N TYR A 112 0.33 5.85 15.28
CA TYR A 112 1.13 6.75 16.08
C TYR A 112 0.54 6.98 17.47
N PHE A 113 -0.79 7.06 17.57
CA PHE A 113 -1.44 7.35 18.83
C PHE A 113 -1.79 6.05 19.56
N GLU A 114 -2.29 6.19 20.79
CA GLU A 114 -2.52 5.06 21.68
C GLU A 114 -3.90 5.14 22.30
N GLY A 115 -4.25 4.09 23.03
CA GLY A 115 -5.50 4.08 23.79
C GLY A 115 -6.71 4.06 22.88
N TRP A 116 -7.75 4.80 23.30
CA TRP A 116 -8.98 4.87 22.53
C TRP A 116 -8.80 5.62 21.22
N TYR A 117 -7.71 6.38 21.07
CA TYR A 117 -7.46 7.08 19.82
C TYR A 117 -6.94 6.13 18.75
N LYS A 118 -6.10 5.17 19.14
CA LYS A 118 -5.72 4.11 18.21
C LYS A 118 -6.93 3.30 17.78
N ILE A 119 -7.80 2.96 18.74
CA ILE A 119 -9.01 2.20 18.42
C ILE A 119 -9.93 3.02 17.53
N GLY A 120 -10.13 4.29 17.88
CA GLY A 120 -11.03 5.13 17.10
C GLY A 120 -10.54 5.36 15.68
N PHE A 121 -9.24 5.66 15.55
CA PHE A 121 -8.68 5.87 14.21
C PHE A 121 -8.70 4.57 13.41
N PHE A 122 -8.51 3.43 14.07
CA PHE A 122 -8.58 2.16 13.37
C PHE A 122 -9.99 1.88 12.88
N VAL A 123 -11.00 2.19 13.69
CA VAL A 123 -12.39 1.98 13.29
C VAL A 123 -12.74 2.88 12.11
N LEU A 124 -12.35 4.15 12.19
CA LEU A 124 -12.58 5.08 11.08
C LEU A 124 -11.88 4.60 9.82
N SER A 125 -10.62 4.19 9.95
CA SER A 125 -9.86 3.74 8.79
C SER A 125 -10.45 2.46 8.20
N SER A 126 -11.03 1.60 9.03
CA SER A 126 -11.63 0.37 8.54
C SER A 126 -13.01 0.60 7.92
N VAL A 127 -13.76 1.60 8.41
CA VAL A 127 -15.01 1.97 7.75
C VAL A 127 -14.73 2.51 6.35
N ALA A 128 -13.77 3.43 6.24
CA ALA A 128 -13.38 3.94 4.93
C ALA A 128 -12.79 2.84 4.06
N TYR A 129 -12.14 1.85 4.67
CA TYR A 129 -11.61 0.73 3.90
C TYR A 129 -12.73 -0.17 3.39
N VAL A 130 -13.74 -0.41 4.22
CA VAL A 130 -14.88 -1.22 3.80
C VAL A 130 -15.59 -0.56 2.62
N LEU A 131 -15.82 0.75 2.72
CA LEU A 131 -16.45 1.47 1.62
C LEU A 131 -15.54 1.58 0.41
N LEU A 132 -14.23 1.38 0.58
CA LEU A 132 -13.31 1.45 -0.54
C LEU A 132 -13.33 0.18 -1.37
N VAL A 133 -13.31 -0.98 -0.70
CA VAL A 133 -13.17 -2.25 -1.42
C VAL A 133 -14.52 -2.86 -1.82
N TYR A 134 -15.62 -2.45 -1.20
CA TYR A 134 -16.92 -2.98 -1.57
C TYR A 134 -17.26 -2.76 -3.04
N PRO A 135 -17.10 -1.56 -3.62
CA PRO A 135 -17.38 -1.41 -5.06
C PRO A 135 -16.40 -2.17 -5.94
N LEU A 136 -15.25 -2.58 -5.42
CA LEU A 136 -14.27 -3.32 -6.20
C LEU A 136 -14.51 -4.83 -6.16
N LEU A 137 -14.87 -5.37 -4.98
CA LEU A 137 -15.09 -6.80 -4.88
C LEU A 137 -16.40 -7.22 -5.53
N THR A 138 -17.37 -6.30 -5.63
CA THR A 138 -18.65 -6.58 -6.27
C THR A 138 -18.71 -6.00 -7.69
N SER A 139 -17.56 -5.66 -8.27
CA SER A 139 -17.54 -5.10 -9.60
C SER A 139 -18.08 -6.11 -10.61
N VAL A 140 -18.89 -5.62 -11.56
CA VAL A 140 -19.38 -6.45 -12.65
C VAL A 140 -18.36 -6.60 -13.75
N SER A 141 -17.20 -5.96 -13.64
CA SER A 141 -16.16 -6.09 -14.65
C SER A 141 -15.68 -7.54 -14.74
N PRO A 142 -15.31 -8.00 -15.93
CA PRO A 142 -14.69 -9.33 -16.04
C PRO A 142 -13.28 -9.38 -15.48
N ASN A 143 -12.62 -8.24 -15.32
CA ASN A 143 -11.31 -8.18 -14.67
C ASN A 143 -11.40 -8.23 -13.16
N ARG A 144 -12.60 -8.38 -12.60
CA ARG A 144 -12.78 -8.28 -11.15
C ARG A 144 -12.02 -9.37 -10.41
N SER A 145 -12.09 -10.60 -10.91
CA SER A 145 -11.36 -11.69 -10.26
C SER A 145 -9.86 -11.49 -10.36
N ALA A 146 -9.39 -10.88 -11.45
CA ALA A 146 -7.95 -10.65 -11.62
C ALA A 146 -7.40 -9.65 -10.62
N VAL A 147 -8.24 -8.77 -10.07
CA VAL A 147 -7.79 -7.79 -9.10
C VAL A 147 -8.18 -8.17 -7.67
N ALA A 148 -9.14 -9.09 -7.49
CA ALA A 148 -9.53 -9.48 -6.14
C ALA A 148 -8.40 -10.16 -5.39
N LYS A 149 -7.51 -10.84 -6.12
CA LYS A 149 -6.36 -11.47 -5.48
C LYS A 149 -5.45 -10.46 -4.80
N TYR A 150 -5.34 -9.25 -5.36
CA TYR A 150 -4.50 -8.24 -4.75
C TYR A 150 -5.21 -7.47 -3.65
N ILE A 151 -6.52 -7.30 -3.77
CA ILE A 151 -7.28 -6.64 -2.70
C ILE A 151 -7.35 -7.53 -1.47
N LEU A 152 -7.67 -8.80 -1.66
CA LEU A 152 -7.88 -9.70 -0.53
C LEU A 152 -6.58 -10.14 0.10
N LEU A 153 -5.61 -10.58 -0.72
CA LEU A 153 -4.35 -11.06 -0.16
C LEU A 153 -3.44 -9.91 0.24
N GLY A 154 -3.32 -8.88 -0.60
CA GLY A 154 -2.36 -7.83 -0.36
C GLY A 154 -2.87 -6.64 0.42
N TRP A 155 -3.92 -6.00 -0.06
CA TRP A 155 -4.43 -4.81 0.61
C TRP A 155 -4.99 -5.14 1.99
N THR A 156 -5.77 -6.22 2.09
CA THR A 156 -6.36 -6.62 3.36
C THR A 156 -5.36 -7.29 4.30
N GLY A 157 -4.17 -7.65 3.80
CA GLY A 157 -3.16 -8.18 4.69
C GLY A 157 -2.54 -7.12 5.57
N PHE A 158 -2.59 -5.86 5.15
CA PHE A 158 -1.99 -4.79 5.93
C PHE A 158 -2.73 -4.53 7.25
N PRO A 159 -4.06 -4.37 7.27
CA PRO A 159 -4.73 -4.19 8.56
C PRO A 159 -4.54 -5.37 9.50
N ILE A 160 -4.45 -6.59 8.97
CA ILE A 160 -4.18 -7.74 9.82
C ILE A 160 -2.76 -7.66 10.37
N ALA A 161 -1.79 -7.37 9.51
CA ALA A 161 -0.42 -7.14 9.95
C ALA A 161 -0.37 -5.99 10.95
N PHE A 162 -1.14 -4.93 10.69
CA PHE A 162 -1.19 -3.78 11.58
C PHE A 162 -1.59 -4.21 13.00
N LEU A 163 -2.64 -5.01 13.12
CA LEU A 163 -3.12 -5.42 14.43
C LEU A 163 -2.11 -6.29 15.16
N LEU A 164 -1.37 -7.12 14.42
CA LEU A 164 -0.35 -7.96 15.05
C LEU A 164 0.93 -7.19 15.34
N ALA A 165 1.25 -6.19 14.51
CA ALA A 165 2.48 -5.44 14.64
C ALA A 165 2.42 -4.55 15.88
N PRO A 166 3.56 -3.96 16.27
CA PRO A 166 3.52 -2.96 17.35
C PRO A 166 2.60 -1.78 17.06
N ASP A 167 2.22 -1.56 15.80
CA ASP A 167 1.23 -0.55 15.48
C ASP A 167 -0.11 -0.84 16.16
N GLY A 168 -0.42 -2.12 16.38
CA GLY A 168 -1.65 -2.51 17.02
C GLY A 168 -1.45 -3.08 18.40
N PHE A 169 -1.54 -4.40 18.52
CA PHE A 169 -1.41 -5.09 19.80
C PHE A 169 0.03 -5.47 20.13
N GLY A 170 0.94 -5.39 19.16
CA GLY A 170 2.33 -5.74 19.40
C GLY A 170 2.54 -7.22 19.69
N ILE A 171 1.76 -8.09 19.03
CA ILE A 171 1.92 -9.52 19.25
C ILE A 171 3.14 -10.06 18.51
N ILE A 172 3.51 -9.44 17.39
CA ILE A 172 4.75 -9.75 16.70
C ILE A 172 5.71 -8.57 16.90
N THR A 173 6.99 -8.86 16.78
CA THR A 173 8.01 -7.83 16.99
C THR A 173 8.06 -6.87 15.81
N THR A 174 8.88 -5.83 15.97
CA THR A 174 8.97 -4.79 14.95
C THR A 174 9.61 -5.32 13.67
N THR A 175 10.65 -6.15 13.81
CA THR A 175 11.34 -6.68 12.64
C THR A 175 10.45 -7.66 11.87
N THR A 176 9.75 -8.55 12.58
CA THR A 176 8.83 -9.46 11.92
C THR A 176 7.76 -8.69 11.15
N ALA A 177 7.25 -7.62 11.74
CA ALA A 177 6.26 -6.79 11.05
C ALA A 177 6.85 -6.14 9.80
N ALA A 178 8.09 -5.67 9.91
CA ALA A 178 8.74 -5.04 8.76
C ALA A 178 8.94 -6.03 7.63
N ILE A 179 9.34 -7.26 7.96
CA ILE A 179 9.48 -8.29 6.93
C ILE A 179 8.14 -8.60 6.29
N LEU A 180 7.08 -8.70 7.10
CA LEU A 180 5.76 -8.97 6.56
C LEU A 180 5.23 -7.79 5.75
N TYR A 181 5.53 -6.56 6.20
CA TYR A 181 5.20 -5.38 5.40
C TYR A 181 5.92 -5.40 4.06
N LEU A 182 7.19 -5.82 4.06
CA LEU A 182 7.97 -5.81 2.83
C LEU A 182 7.44 -6.83 1.82
N LEU A 183 7.09 -8.03 2.29
CA LEU A 183 6.48 -9.02 1.41
C LEU A 183 5.17 -8.50 0.83
N LEU A 184 4.37 -7.82 1.66
CA LEU A 184 3.13 -7.23 1.17
C LEU A 184 3.41 -6.11 0.17
N ASP A 185 4.48 -5.35 0.39
CA ASP A 185 4.85 -4.31 -0.57
C ASP A 185 5.23 -4.90 -1.92
N ILE A 186 6.09 -5.93 -1.91
CA ILE A 186 6.52 -6.57 -3.15
C ILE A 186 5.32 -7.15 -3.89
N PHE A 187 4.36 -7.70 -3.16
CA PHE A 187 3.20 -8.33 -3.80
C PHE A 187 2.27 -7.30 -4.43
N THR A 188 2.01 -6.20 -3.73
CA THR A 188 1.03 -5.22 -4.19
C THR A 188 1.61 -4.14 -5.08
N LYS A 189 2.94 -3.97 -5.08
CA LYS A 189 3.57 -2.90 -5.85
C LYS A 189 4.40 -3.40 -7.03
N VAL A 190 4.95 -4.61 -6.95
CA VAL A 190 5.86 -5.11 -7.99
C VAL A 190 5.22 -6.28 -8.73
N ILE A 191 4.88 -7.34 -8.00
CA ILE A 191 4.20 -8.49 -8.61
C ILE A 191 2.89 -8.05 -9.27
N PHE A 192 2.24 -7.03 -8.70
CA PHE A 192 1.00 -6.51 -9.26
C PHE A 192 1.19 -6.06 -10.70
N TYR A 193 2.36 -5.53 -11.05
CA TYR A 193 2.62 -5.07 -12.40
C TYR A 193 3.18 -6.16 -13.31
N PHE A 194 4.04 -7.03 -12.76
CA PHE A 194 4.49 -8.19 -13.53
C PHE A 194 3.33 -9.00 -14.05
N ASP A 195 2.23 -9.03 -13.30
CA ASP A 195 1.07 -9.86 -13.61
C ASP A 195 0.05 -9.15 -14.50
N LEU A 196 -0.21 -7.86 -14.26
CA LEU A 196 -1.36 -7.19 -14.86
C LEU A 196 -1.00 -6.01 -15.75
N HIS A 197 0.28 -5.76 -16.02
CA HIS A 197 0.65 -4.57 -16.79
C HIS A 197 0.04 -4.58 -18.18
N ARG A 198 0.31 -5.64 -18.95
CA ARG A 198 -0.15 -5.67 -20.34
C ARG A 198 -1.67 -5.66 -20.42
N LYS A 199 -2.34 -6.40 -19.53
CA LYS A 199 -3.80 -6.35 -19.51
C LYS A 199 -4.30 -4.95 -19.20
N MET A 200 -3.67 -4.28 -18.22
CA MET A 200 -4.08 -2.93 -17.86
C MET A 200 -3.78 -1.93 -18.98
N GLU A 201 -2.68 -2.18 -19.69
CA GLU A 201 -2.19 -1.31 -20.80
C GLU A 201 -3.18 -1.43 -21.97
N VAL A 202 -3.61 -2.63 -22.28
CA VAL A 202 -4.55 -2.90 -23.37
C VAL A 202 -5.94 -2.35 -23.02
N ASN A 203 -6.36 -2.54 -21.79
CA ASN A 203 -7.68 -2.04 -21.37
C ASN A 203 -7.68 -0.52 -21.45
N ALA A 204 -6.55 0.10 -21.16
CA ALA A 204 -6.43 1.58 -21.10
C ALA A 204 -6.31 2.16 -22.50
N GLN A 205 -5.90 1.37 -23.47
CA GLN A 205 -5.81 1.93 -24.83
C GLN A 205 -7.15 1.73 -25.51
N LYS A 206 -8.18 1.34 -24.78
CA LYS A 206 -9.49 1.05 -25.39
C LYS A 206 -10.58 1.93 -24.80
N VAL A 207 -10.33 2.63 -23.71
CA VAL A 207 -11.44 3.47 -23.18
C VAL A 207 -10.90 4.84 -22.86
N LEU A 208 -9.80 5.19 -23.51
CA LEU A 208 -9.15 6.51 -23.31
C LEU A 208 -8.93 7.13 -24.70
#